data_1IX1
#
_entry.id   1IX1
#
_cell.length_a   68.750
_cell.length_b   74.460
_cell.length_c   77.180
_cell.angle_alpha   90.00
_cell.angle_beta   90.00
_cell.angle_gamma   90.00
#
_symmetry.space_group_name_H-M   'P 21 21 21'
#
loop_
_entity.id
_entity.type
_entity.pdbx_description
1 polymer 'peptide deformylase'
2 non-polymer 'ZINC ION'
3 non-polymer ACTINONIN
4 non-polymer '(CARBAMOYLMETHYL-CARBOXYMETHYL-AMINO)-ACETIC ACID'
5 water water
#
_entity_poly.entity_id   1
_entity_poly.type   'polypeptide(L)'
_entity_poly.pdbx_seq_one_letter_code
;MAILNILEFPDPRLRTIAKPVEVVDDAVRQLIDDMFETMYEAPGIGLAATQVNVHKRIVVMDLSEDKSEPRVFINPEFEP
LTEDMDQYQEGCLSVPGFYENVDRPQKVRIKALDRDGNPFEEVAEGLLAVCIQHECDHLNGKLFVDYLSTLKRDRIRKKL
EKQHRQQAHHH
;
_entity_poly.pdbx_strand_id   A,B
#
# COMPACT_ATOMS: atom_id res chain seq x y z
N ALA A 2 -10.60 -26.04 -11.25
CA ALA A 2 -11.99 -26.13 -11.80
C ALA A 2 -12.71 -24.80 -11.65
N ILE A 3 -13.52 -24.46 -12.64
CA ILE A 3 -14.29 -23.22 -12.62
C ILE A 3 -15.55 -23.45 -11.80
N LEU A 4 -15.76 -22.60 -10.79
CA LEU A 4 -16.93 -22.74 -9.94
C LEU A 4 -18.02 -21.77 -10.38
N ASN A 5 -19.26 -22.13 -10.07
CA ASN A 5 -20.40 -21.29 -10.43
C ASN A 5 -20.42 -20.08 -9.49
N ILE A 6 -20.79 -18.93 -10.04
CA ILE A 6 -20.86 -17.70 -9.24
C ILE A 6 -22.31 -17.31 -8.95
N LEU A 7 -22.67 -17.26 -7.68
CA LEU A 7 -24.03 -16.89 -7.27
C LEU A 7 -24.33 -15.46 -7.65
N GLU A 8 -25.58 -15.18 -7.99
CA GLU A 8 -25.99 -13.83 -8.38
C GLU A 8 -27.14 -13.28 -7.56
N PHE A 9 -27.05 -11.99 -7.25
CA PHE A 9 -28.09 -11.27 -6.51
C PHE A 9 -29.37 -11.51 -7.32
N PRO A 10 -30.53 -11.71 -6.66
CA PRO A 10 -30.83 -11.74 -5.22
C PRO A 10 -30.79 -13.11 -4.53
N ASP A 11 -29.95 -14.02 -5.02
CA ASP A 11 -29.84 -15.35 -4.42
C ASP A 11 -29.55 -15.22 -2.93
N PRO A 12 -30.46 -15.72 -2.07
CA PRO A 12 -30.31 -15.66 -0.61
C PRO A 12 -29.01 -16.18 -0.02
N ARG A 13 -28.36 -17.11 -0.71
CA ARG A 13 -27.11 -17.68 -0.22
C ARG A 13 -25.97 -16.67 -0.17
N LEU A 14 -26.13 -15.54 -0.84
CA LEU A 14 -25.10 -14.49 -0.84
C LEU A 14 -25.14 -13.72 0.48
N ARG A 15 -26.22 -13.89 1.24
CA ARG A 15 -26.39 -13.21 2.52
C ARG A 15 -25.82 -14.02 3.68
N THR A 16 -25.25 -15.18 3.37
CA THR A 16 -24.67 -16.05 4.39
C THR A 16 -23.38 -15.47 4.95
N ILE A 17 -23.22 -15.56 6.27
CA ILE A 17 -22.01 -15.06 6.92
C ILE A 17 -20.97 -16.17 6.95
N ALA A 18 -19.83 -15.92 6.32
CA ALA A 18 -18.75 -16.91 6.24
C ALA A 18 -18.08 -17.22 7.57
N LYS A 19 -17.76 -18.50 7.75
CA LYS A 19 -17.09 -18.97 8.97
C LYS A 19 -15.57 -18.88 8.81
N PRO A 20 -14.87 -18.57 9.90
CA PRO A 20 -13.41 -18.45 9.89
C PRO A 20 -12.70 -19.74 9.48
N VAL A 21 -11.53 -19.61 8.88
CA VAL A 21 -10.73 -20.76 8.48
C VAL A 21 -9.74 -21.05 9.60
N GLU A 22 -9.76 -22.27 10.12
CA GLU A 22 -8.88 -22.65 11.23
C GLU A 22 -7.52 -23.17 10.79
N VAL A 23 -7.44 -23.69 9.58
CA VAL A 23 -6.19 -24.21 9.05
C VAL A 23 -6.21 -24.21 7.53
N VAL A 24 -5.11 -23.78 6.94
CA VAL A 24 -5.00 -23.74 5.49
C VAL A 24 -4.54 -25.11 4.99
N ASP A 25 -5.44 -26.09 5.08
CA ASP A 25 -5.12 -27.45 4.65
C ASP A 25 -5.26 -27.67 3.15
N ASP A 26 -5.08 -28.91 2.71
CA ASP A 26 -5.16 -29.25 1.29
C ASP A 26 -6.47 -28.77 0.66
N ALA A 27 -7.58 -29.00 1.34
CA ALA A 27 -8.89 -28.60 0.84
C ALA A 27 -8.94 -27.08 0.59
N VAL A 28 -8.48 -26.31 1.56
CA VAL A 28 -8.47 -24.85 1.43
C VAL A 28 -7.57 -24.42 0.27
N ARG A 29 -6.42 -25.07 0.14
CA ARG A 29 -5.48 -24.76 -0.93
C ARG A 29 -6.11 -25.02 -2.30
N GLN A 30 -6.91 -26.08 -2.39
CA GLN A 30 -7.57 -26.41 -3.65
C GLN A 30 -8.62 -25.35 -3.98
N LEU A 31 -9.37 -24.93 -2.96
CA LEU A 31 -10.40 -23.92 -3.17
C LEU A 31 -9.81 -22.62 -3.70
N ILE A 32 -8.68 -22.20 -3.12
CA ILE A 32 -8.01 -20.98 -3.53
C ILE A 32 -7.66 -21.05 -5.02
N ASP A 33 -7.13 -22.19 -5.45
CA ASP A 33 -6.78 -22.36 -6.86
C ASP A 33 -8.04 -22.30 -7.72
N ASP A 34 -9.11 -22.94 -7.28
CA ASP A 34 -10.36 -22.93 -8.04
C ASP A 34 -10.91 -21.51 -8.11
N MET A 35 -10.78 -20.77 -7.01
CA MET A 35 -11.27 -19.41 -6.97
C MET A 35 -10.54 -18.50 -7.95
N PHE A 36 -9.21 -18.66 -8.02
CA PHE A 36 -8.42 -17.85 -8.97
C PHE A 36 -8.85 -18.15 -10.39
N GLU A 37 -9.03 -19.44 -10.71
CA GLU A 37 -9.45 -19.85 -12.03
C GLU A 37 -10.78 -19.18 -12.39
N THR A 38 -11.72 -19.26 -11.46
CA THR A 38 -13.05 -18.70 -11.63
C THR A 38 -13.00 -17.18 -11.82
N MET A 39 -12.19 -16.52 -11.00
CA MET A 39 -12.04 -15.06 -11.06
C MET A 39 -11.46 -14.61 -12.41
N TYR A 40 -10.40 -15.26 -12.86
CA TYR A 40 -9.78 -14.89 -14.13
C TYR A 40 -10.69 -15.15 -15.32
N GLU A 41 -11.52 -16.18 -15.24
CA GLU A 41 -12.40 -16.51 -16.36
C GLU A 41 -13.61 -15.58 -16.49
N ALA A 42 -14.11 -15.10 -15.35
CA ALA A 42 -15.28 -14.22 -15.32
C ALA A 42 -15.31 -13.12 -16.39
N PRO A 43 -14.37 -12.16 -16.36
CA PRO A 43 -13.26 -11.95 -15.42
C PRO A 43 -13.54 -10.85 -14.40
N GLY A 44 -12.87 -10.95 -13.25
CA GLY A 44 -13.01 -9.96 -12.20
C GLY A 44 -11.64 -9.72 -11.59
N ILE A 45 -11.54 -8.78 -10.64
CA ILE A 45 -10.25 -8.52 -9.99
C ILE A 45 -10.24 -9.04 -8.56
N GLY A 46 -11.37 -9.59 -8.14
CA GLY A 46 -11.47 -10.14 -6.80
C GLY A 46 -12.58 -11.17 -6.72
N LEU A 47 -12.56 -11.99 -5.67
CA LEU A 47 -13.58 -13.00 -5.48
C LEU A 47 -13.57 -13.49 -4.03
N ALA A 48 -14.76 -13.59 -3.45
CA ALA A 48 -14.90 -14.07 -2.07
C ALA A 48 -15.51 -15.47 -2.15
N ALA A 49 -15.11 -16.35 -1.24
CA ALA A 49 -15.62 -17.72 -1.25
C ALA A 49 -17.16 -17.77 -1.19
N THR A 50 -17.74 -16.79 -0.52
CA THR A 50 -19.19 -16.70 -0.38
C THR A 50 -19.86 -16.70 -1.75
N GLN A 51 -19.23 -16.04 -2.73
CA GLN A 51 -19.77 -15.94 -4.08
C GLN A 51 -19.83 -17.26 -4.85
N VAL A 52 -19.00 -18.23 -4.49
CA VAL A 52 -19.02 -19.53 -5.15
C VAL A 52 -19.69 -20.56 -4.25
N ASN A 53 -20.52 -20.04 -3.34
CA ASN A 53 -21.29 -20.86 -2.40
C ASN A 53 -20.47 -21.65 -1.39
N VAL A 54 -19.30 -21.14 -1.03
CA VAL A 54 -18.45 -21.79 -0.03
C VAL A 54 -18.35 -20.72 1.06
N HIS A 55 -18.98 -20.99 2.19
CA HIS A 55 -19.02 -20.00 3.26
C HIS A 55 -17.92 -20.05 4.30
N LYS A 56 -16.71 -19.77 3.82
CA LYS A 56 -15.51 -19.72 4.62
C LYS A 56 -14.89 -18.35 4.30
N ARG A 57 -14.21 -17.76 5.27
CA ARG A 57 -13.61 -16.44 5.06
C ARG A 57 -12.31 -16.49 4.26
N ILE A 58 -12.46 -16.59 2.94
CA ILE A 58 -11.33 -16.64 2.03
C ILE A 58 -11.55 -15.66 0.87
N VAL A 59 -10.53 -14.86 0.57
CA VAL A 59 -10.60 -13.89 -0.51
C VAL A 59 -9.37 -13.95 -1.40
N VAL A 60 -9.57 -13.82 -2.71
CA VAL A 60 -8.47 -13.81 -3.66
C VAL A 60 -8.59 -12.56 -4.51
N MET A 61 -7.46 -12.07 -5.01
CA MET A 61 -7.43 -10.86 -5.82
C MET A 61 -6.28 -10.87 -6.82
N ASP A 62 -6.40 -10.00 -7.82
CA ASP A 62 -5.36 -9.76 -8.80
C ASP A 62 -5.78 -8.47 -9.49
N LEU A 63 -5.16 -7.38 -9.09
CA LEU A 63 -5.47 -6.07 -9.66
C LEU A 63 -4.74 -5.78 -10.95
N SER A 64 -3.84 -6.68 -11.35
CA SER A 64 -3.07 -6.48 -12.59
C SER A 64 -3.92 -6.75 -13.82
N GLU A 65 -3.37 -6.43 -14.98
CA GLU A 65 -4.08 -6.64 -16.24
C GLU A 65 -3.64 -7.92 -16.94
N ASP A 66 -2.65 -8.60 -16.38
CA ASP A 66 -2.13 -9.81 -16.99
C ASP A 66 -1.97 -11.03 -16.08
N LYS A 67 -2.81 -11.12 -15.04
CA LYS A 67 -2.77 -12.24 -14.11
C LYS A 67 -1.37 -12.46 -13.51
N SER A 68 -0.67 -11.37 -13.24
CA SER A 68 0.68 -11.47 -12.67
C SER A 68 0.81 -11.02 -11.22
N GLU A 69 -0.31 -10.63 -10.59
CA GLU A 69 -0.27 -10.20 -9.20
C GLU A 69 -1.31 -10.85 -8.30
N PRO A 70 -1.30 -12.20 -8.21
CA PRO A 70 -2.29 -12.86 -7.35
C PRO A 70 -2.12 -12.48 -5.88
N ARG A 71 -3.24 -12.33 -5.18
CA ARG A 71 -3.22 -11.99 -3.76
C ARG A 71 -4.19 -12.89 -3.00
N VAL A 72 -3.79 -13.32 -1.81
CA VAL A 72 -4.63 -14.19 -0.99
C VAL A 72 -4.84 -13.62 0.40
N PHE A 73 -6.09 -13.59 0.85
CA PHE A 73 -6.43 -13.08 2.17
C PHE A 73 -7.34 -14.09 2.88
N ILE A 74 -6.86 -14.64 3.99
CA ILE A 74 -7.64 -15.60 4.76
C ILE A 74 -8.03 -14.94 6.08
N ASN A 75 -9.30 -15.08 6.46
CA ASN A 75 -9.82 -14.46 7.68
C ASN A 75 -9.46 -12.97 7.70
N PRO A 76 -9.71 -12.27 6.59
CA PRO A 76 -9.39 -10.85 6.54
C PRO A 76 -10.34 -9.95 7.33
N GLU A 77 -9.79 -8.83 7.79
CA GLU A 77 -10.56 -7.82 8.49
C GLU A 77 -9.84 -6.51 8.19
N PHE A 78 -10.54 -5.39 8.28
CA PHE A 78 -9.92 -4.12 8.00
C PHE A 78 -10.41 -3.03 8.93
N GLU A 79 -9.60 -1.98 9.09
CA GLU A 79 -9.93 -0.85 9.94
C GLU A 79 -9.58 0.40 9.15
N PRO A 80 -10.51 1.35 9.06
CA PRO A 80 -10.23 2.57 8.32
C PRO A 80 -9.10 3.34 9.01
N LEU A 81 -8.25 3.99 8.22
CA LEU A 81 -7.13 4.75 8.78
C LEU A 81 -7.36 6.24 8.52
N THR A 82 -8.49 6.54 7.88
CA THR A 82 -8.82 7.91 7.55
C THR A 82 -10.32 8.11 7.49
N GLU A 83 -10.72 9.37 7.60
CA GLU A 83 -12.13 9.75 7.56
C GLU A 83 -12.46 10.12 6.13
N ASP A 84 -11.42 10.47 5.37
CA ASP A 84 -11.60 10.87 3.97
C ASP A 84 -12.20 9.73 3.17
N MET A 85 -13.29 10.02 2.47
CA MET A 85 -13.97 9.02 1.67
C MET A 85 -13.62 9.16 0.20
N ASP A 86 -13.55 8.02 -0.49
CA ASP A 86 -13.25 7.98 -1.91
C ASP A 86 -14.47 7.40 -2.61
N GLN A 87 -14.85 8.01 -3.72
CA GLN A 87 -16.00 7.52 -4.47
C GLN A 87 -15.45 6.72 -5.64
N TYR A 88 -15.92 5.49 -5.78
CA TYR A 88 -15.45 4.64 -6.86
C TYR A 88 -16.61 3.91 -7.51
N GLN A 89 -16.57 3.82 -8.84
CA GLN A 89 -17.60 3.11 -9.59
C GLN A 89 -17.33 1.62 -9.38
N GLU A 90 -18.14 1.00 -8.53
CA GLU A 90 -17.98 -0.42 -8.23
C GLU A 90 -18.91 -1.34 -8.98
N GLY A 91 -18.38 -2.50 -9.33
CA GLY A 91 -19.14 -3.53 -10.00
C GLY A 91 -18.97 -4.80 -9.18
N CYS A 92 -19.70 -5.85 -9.51
CA CYS A 92 -19.61 -7.10 -8.75
C CYS A 92 -19.98 -8.28 -9.64
N LEU A 93 -19.22 -9.37 -9.54
CA LEU A 93 -19.50 -10.54 -10.36
C LEU A 93 -20.86 -11.16 -10.00
N SER A 94 -21.35 -10.84 -8.82
CA SER A 94 -22.64 -11.37 -8.36
C SER A 94 -23.79 -10.42 -8.69
N VAL A 95 -23.47 -9.29 -9.31
CA VAL A 95 -24.45 -8.28 -9.71
C VAL A 95 -23.97 -7.80 -11.08
N PRO A 96 -23.83 -8.73 -12.04
CA PRO A 96 -23.36 -8.46 -13.40
C PRO A 96 -24.07 -7.36 -14.19
N GLY A 97 -23.27 -6.49 -14.81
CA GLY A 97 -23.80 -5.41 -15.61
C GLY A 97 -24.09 -4.10 -14.91
N PHE A 98 -23.91 -4.07 -13.58
CA PHE A 98 -24.19 -2.84 -12.85
C PHE A 98 -23.00 -2.19 -12.17
N TYR A 99 -22.88 -0.88 -12.35
CA TYR A 99 -21.80 -0.11 -11.75
C TYR A 99 -22.37 1.14 -11.10
N GLU A 100 -22.20 1.23 -9.79
CA GLU A 100 -22.73 2.37 -9.04
C GLU A 100 -21.67 2.92 -8.11
N ASN A 101 -21.73 4.21 -7.85
CA ASN A 101 -20.77 4.86 -6.97
C ASN A 101 -21.02 4.39 -5.54
N VAL A 102 -19.92 4.17 -4.82
CA VAL A 102 -19.99 3.74 -3.43
C VAL A 102 -18.88 4.49 -2.72
N ASP A 103 -19.20 5.10 -1.58
CA ASP A 103 -18.20 5.85 -0.83
C ASP A 103 -17.61 4.99 0.27
N ARG A 104 -16.29 4.85 0.26
CA ARG A 104 -15.59 4.06 1.27
C ARG A 104 -14.33 4.79 1.69
N PRO A 105 -13.83 4.51 2.90
CA PRO A 105 -12.60 5.15 3.37
C PRO A 105 -11.50 4.84 2.34
N GLN A 106 -10.67 5.83 2.02
CA GLN A 106 -9.61 5.67 1.04
C GLN A 106 -8.35 4.98 1.53
N LYS A 107 -8.21 4.80 2.83
CA LYS A 107 -7.01 4.16 3.37
C LYS A 107 -7.41 3.25 4.51
N VAL A 108 -6.98 2.00 4.45
CA VAL A 108 -7.32 1.05 5.50
C VAL A 108 -6.15 0.16 5.88
N ARG A 109 -6.25 -0.45 7.05
CA ARG A 109 -5.23 -1.37 7.52
C ARG A 109 -5.88 -2.75 7.49
N ILE A 110 -5.23 -3.68 6.80
CA ILE A 110 -5.76 -5.04 6.67
C ILE A 110 -5.01 -6.00 7.60
N LYS A 111 -5.75 -6.92 8.20
CA LYS A 111 -5.18 -7.95 9.05
C LYS A 111 -5.72 -9.26 8.48
N ALA A 112 -4.83 -10.21 8.21
CA ALA A 112 -5.26 -11.49 7.67
C ALA A 112 -4.14 -12.52 7.69
N LEU A 113 -4.46 -13.71 7.19
CA LEU A 113 -3.50 -14.80 7.10
C LEU A 113 -3.16 -14.94 5.62
N ASP A 114 -1.89 -15.19 5.30
CA ASP A 114 -1.50 -15.33 3.90
C ASP A 114 -1.78 -16.72 3.35
N ARG A 115 -1.42 -16.92 2.08
CA ARG A 115 -1.62 -18.18 1.38
C ARG A 115 -0.94 -19.35 2.09
N ASP A 116 0.01 -19.04 2.98
CA ASP A 116 0.73 -20.07 3.72
C ASP A 116 0.17 -20.26 5.13
N GLY A 117 -0.78 -19.40 5.51
CA GLY A 117 -1.39 -19.51 6.82
C GLY A 117 -0.75 -18.63 7.88
N ASN A 118 0.18 -17.77 7.47
CA ASN A 118 0.86 -16.87 8.39
C ASN A 118 0.19 -15.50 8.44
N PRO A 119 0.03 -14.95 9.66
CA PRO A 119 -0.60 -13.63 9.83
C PRO A 119 0.26 -12.45 9.38
N PHE A 120 -0.41 -11.43 8.85
CA PHE A 120 0.29 -10.24 8.39
C PHE A 120 -0.68 -9.07 8.43
N GLU A 121 -0.13 -7.86 8.39
CA GLU A 121 -0.95 -6.65 8.40
C GLU A 121 -0.47 -5.82 7.22
N GLU A 122 -1.42 -5.34 6.42
CA GLU A 122 -1.09 -4.56 5.24
C GLU A 122 -1.84 -3.25 5.13
N VAL A 123 -1.12 -2.17 4.89
CA VAL A 123 -1.72 -0.86 4.73
C VAL A 123 -2.18 -0.77 3.28
N ALA A 124 -3.42 -0.34 3.06
CA ALA A 124 -3.95 -0.26 1.70
C ALA A 124 -4.61 1.06 1.31
N GLU A 125 -4.37 1.46 0.08
CA GLU A 125 -4.93 2.68 -0.48
C GLU A 125 -5.39 2.37 -1.89
N GLY A 126 -6.03 3.35 -2.52
CA GLY A 126 -6.49 3.17 -3.89
C GLY A 126 -7.41 1.99 -4.13
N LEU A 127 -7.22 1.33 -5.27
CA LEU A 127 -8.03 0.18 -5.66
C LEU A 127 -8.01 -0.94 -4.63
N LEU A 128 -6.83 -1.22 -4.08
CA LEU A 128 -6.71 -2.29 -3.09
C LEU A 128 -7.59 -2.00 -1.87
N ALA A 129 -7.64 -0.73 -1.47
CA ALA A 129 -8.45 -0.35 -0.31
C ALA A 129 -9.94 -0.60 -0.58
N VAL A 130 -10.37 -0.28 -1.79
CA VAL A 130 -11.77 -0.47 -2.16
C VAL A 130 -12.10 -1.95 -2.27
N CYS A 131 -11.25 -2.69 -2.97
CA CYS A 131 -11.48 -4.12 -3.16
C CYS A 131 -11.54 -4.92 -1.86
N ILE A 132 -10.61 -4.66 -0.94
CA ILE A 132 -10.62 -5.43 0.30
C ILE A 132 -11.92 -5.19 1.08
N GLN A 133 -12.42 -3.96 1.06
CA GLN A 133 -13.66 -3.66 1.76
C GLN A 133 -14.82 -4.36 1.05
N HIS A 134 -14.81 -4.31 -0.28
CA HIS A 134 -15.83 -4.96 -1.08
C HIS A 134 -15.84 -6.46 -0.79
N GLU A 135 -14.66 -7.08 -0.77
CA GLU A 135 -14.57 -8.51 -0.51
C GLU A 135 -14.95 -8.91 0.92
N CYS A 136 -14.50 -8.14 1.91
CA CYS A 136 -14.83 -8.45 3.30
C CYS A 136 -16.34 -8.35 3.49
N ASP A 137 -16.97 -7.38 2.82
CA ASP A 137 -18.42 -7.23 2.91
C ASP A 137 -19.12 -8.51 2.48
N HIS A 138 -18.64 -9.12 1.40
CA HIS A 138 -19.24 -10.36 0.91
C HIS A 138 -19.24 -11.41 2.01
N LEU A 139 -18.12 -11.52 2.73
CA LEU A 139 -18.00 -12.50 3.80
C LEU A 139 -19.00 -12.25 4.93
N ASN A 140 -19.53 -11.04 5.00
CA ASN A 140 -20.50 -10.70 6.03
C ASN A 140 -21.90 -10.64 5.42
N GLY A 141 -22.05 -11.22 4.23
CA GLY A 141 -23.34 -11.24 3.56
C GLY A 141 -23.83 -9.89 3.08
N LYS A 142 -22.89 -8.99 2.78
CA LYS A 142 -23.25 -7.67 2.30
C LYS A 142 -22.81 -7.49 0.86
N LEU A 143 -23.64 -6.78 0.09
CA LEU A 143 -23.36 -6.52 -1.32
C LEU A 143 -23.26 -5.00 -1.49
N PHE A 144 -22.58 -4.56 -2.53
CA PHE A 144 -22.43 -3.11 -2.73
C PHE A 144 -23.75 -2.40 -2.97
N VAL A 145 -24.75 -3.12 -3.48
CA VAL A 145 -26.05 -2.50 -3.71
C VAL A 145 -26.73 -2.17 -2.38
N ASP A 146 -26.22 -2.72 -1.29
CA ASP A 146 -26.80 -2.45 0.01
C ASP A 146 -26.53 -1.01 0.44
N TYR A 147 -25.59 -0.36 -0.24
CA TYR A 147 -25.25 1.03 0.06
C TYR A 147 -26.09 1.99 -0.78
N LEU A 148 -26.76 1.46 -1.80
CA LEU A 148 -27.58 2.28 -2.68
C LEU A 148 -28.97 2.52 -2.10
N SER A 149 -29.73 3.43 -2.71
CA SER A 149 -31.07 3.74 -2.22
C SER A 149 -31.94 2.50 -2.36
N THR A 150 -33.07 2.51 -1.65
CA THR A 150 -33.99 1.37 -1.70
C THR A 150 -34.55 1.14 -3.10
N LEU A 151 -34.95 2.22 -3.77
CA LEU A 151 -35.51 2.08 -5.11
C LEU A 151 -34.47 1.66 -6.14
N LYS A 152 -33.25 2.17 -6.02
CA LYS A 152 -32.21 1.79 -6.98
C LYS A 152 -31.88 0.32 -6.85
N ARG A 153 -31.71 -0.15 -5.61
CA ARG A 153 -31.39 -1.55 -5.36
C ARG A 153 -32.51 -2.47 -5.86
N ASP A 154 -33.76 -2.07 -5.64
CA ASP A 154 -34.88 -2.90 -6.07
C ASP A 154 -34.97 -2.92 -7.60
N ARG A 155 -34.60 -1.82 -8.22
CA ARG A 155 -34.62 -1.71 -9.69
C ARG A 155 -33.61 -2.70 -10.25
N ILE A 156 -32.44 -2.76 -9.62
CA ILE A 156 -31.38 -3.67 -10.04
C ILE A 156 -31.85 -5.10 -9.82
N ARG A 157 -32.51 -5.33 -8.69
CA ARG A 157 -33.02 -6.66 -8.34
C ARG A 157 -34.03 -7.11 -9.41
N LYS A 158 -34.97 -6.23 -9.74
CA LYS A 158 -35.98 -6.55 -10.75
C LYS A 158 -35.35 -6.87 -12.10
N LYS A 159 -34.35 -6.08 -12.48
CA LYS A 159 -33.65 -6.28 -13.75
C LYS A 159 -33.02 -7.67 -13.81
N LEU A 160 -32.31 -8.03 -12.74
CA LEU A 160 -31.65 -9.33 -12.68
C LEU A 160 -32.64 -10.49 -12.65
N GLU A 161 -33.76 -10.31 -11.95
CA GLU A 161 -34.76 -11.35 -11.88
C GLU A 161 -35.33 -11.62 -13.27
N LYS A 162 -35.51 -10.57 -14.05
CA LYS A 162 -36.02 -10.71 -15.41
C LYS A 162 -34.98 -11.45 -16.26
N GLN A 163 -33.72 -11.07 -16.10
CA GLN A 163 -32.63 -11.71 -16.83
C GLN A 163 -32.57 -13.19 -16.50
N HIS A 164 -32.56 -13.50 -15.21
CA HIS A 164 -32.50 -14.88 -14.76
C HIS A 164 -33.66 -15.68 -15.32
N ARG A 165 -34.82 -15.01 -15.41
CA ARG A 165 -36.03 -15.62 -15.93
C ARG A 165 -35.85 -15.99 -17.39
N GLN A 166 -35.28 -15.07 -18.16
CA GLN A 166 -35.04 -15.28 -19.58
C GLN A 166 -33.94 -16.30 -19.82
N GLN A 167 -32.89 -16.25 -19.01
CA GLN A 167 -31.78 -17.18 -19.14
C GLN A 167 -32.25 -18.62 -18.96
N ALA A 168 -33.20 -18.82 -18.05
CA ALA A 168 -33.72 -20.15 -17.77
C ALA A 168 -34.55 -20.69 -18.93
N HIS A 169 -35.02 -19.79 -19.79
CA HIS A 169 -35.82 -20.18 -20.95
C HIS A 169 -34.94 -20.33 -22.18
N HIS A 170 -33.63 -20.32 -21.98
CA HIS A 170 -32.67 -20.45 -23.07
C HIS A 170 -32.16 -21.88 -23.16
N ALA B 2 11.73 19.98 18.39
CA ALA B 2 12.86 20.90 18.03
C ALA B 2 13.37 20.65 16.62
N ILE B 3 13.90 21.69 16.00
CA ILE B 3 14.45 21.57 14.65
C ILE B 3 15.88 21.07 14.74
N LEU B 4 16.18 20.02 13.97
CA LEU B 4 17.50 19.42 13.97
C LEU B 4 18.32 19.82 12.77
N ASN B 5 19.64 19.78 12.94
CA ASN B 5 20.55 20.15 11.85
C ASN B 5 20.60 19.03 10.81
N ILE B 6 20.51 19.41 9.54
CA ILE B 6 20.56 18.43 8.46
C ILE B 6 21.95 18.36 7.84
N LEU B 7 22.57 17.18 7.91
CA LEU B 7 23.90 16.97 7.34
C LEU B 7 23.85 17.12 5.82
N GLU B 8 24.93 17.65 5.25
CA GLU B 8 25.03 17.86 3.82
C GLU B 8 26.23 17.18 3.16
N PHE B 9 25.99 16.61 1.98
CA PHE B 9 27.01 15.98 1.15
C PHE B 9 28.10 17.05 1.00
N PRO B 10 29.39 16.68 1.06
CA PRO B 10 30.01 15.38 1.28
C PRO B 10 30.37 14.98 2.71
N ASP B 11 29.60 15.45 3.70
CA ASP B 11 29.86 15.10 5.10
C ASP B 11 29.90 13.57 5.19
N PRO B 12 31.06 13.00 5.58
CA PRO B 12 31.23 11.55 5.71
C PRO B 12 30.24 10.84 6.63
N ARG B 13 29.61 11.58 7.54
CA ARG B 13 28.65 10.96 8.44
C ARG B 13 27.41 10.46 7.70
N LEU B 14 27.17 11.00 6.51
CA LEU B 14 26.03 10.56 5.70
C LEU B 14 26.25 9.15 5.14
N ARG B 15 27.47 8.64 5.31
CA ARG B 15 27.81 7.31 4.81
C ARG B 15 27.68 6.23 5.89
N THR B 16 27.28 6.65 7.08
CA THR B 16 27.13 5.72 8.20
C THR B 16 25.95 4.79 8.00
N ILE B 17 26.14 3.51 8.25
CA ILE B 17 25.04 2.55 8.12
C ILE B 17 24.25 2.58 9.43
N ALA B 18 22.95 2.85 9.34
CA ALA B 18 22.12 2.95 10.53
C ALA B 18 21.83 1.62 11.20
N LYS B 19 21.74 1.65 12.53
CA LYS B 19 21.47 0.45 13.32
C LYS B 19 19.96 0.29 13.56
N PRO B 20 19.45 -0.95 13.53
CA PRO B 20 18.02 -1.19 13.75
C PRO B 20 17.53 -0.70 15.11
N VAL B 21 16.26 -0.34 15.18
CA VAL B 21 15.63 0.10 16.42
C VAL B 21 15.11 -1.18 17.10
N GLU B 22 15.51 -1.40 18.34
CA GLU B 22 15.10 -2.60 19.07
C GLU B 22 13.82 -2.45 19.86
N VAL B 23 13.51 -1.21 20.25
CA VAL B 23 12.29 -0.95 21.01
C VAL B 23 11.80 0.45 20.65
N VAL B 24 10.55 0.55 20.23
CA VAL B 24 9.97 1.84 19.88
C VAL B 24 9.33 2.46 21.11
N ASP B 25 10.13 3.20 21.87
CA ASP B 25 9.64 3.85 23.08
C ASP B 25 9.33 5.33 22.83
N ASP B 26 8.99 6.05 23.89
CA ASP B 26 8.68 7.47 23.75
C ASP B 26 9.87 8.30 23.31
N ALA B 27 11.07 7.87 23.68
CA ALA B 27 12.28 8.57 23.29
C ALA B 27 12.42 8.50 21.77
N VAL B 28 12.13 7.33 21.21
CA VAL B 28 12.19 7.14 19.77
C VAL B 28 11.13 8.02 19.12
N ARG B 29 9.95 8.08 19.75
CA ARG B 29 8.89 8.92 19.19
C ARG B 29 9.25 10.40 19.28
N GLN B 30 10.03 10.80 20.28
CA GLN B 30 10.43 12.19 20.40
C GLN B 30 11.34 12.54 19.22
N LEU B 31 12.26 11.63 18.89
CA LEU B 31 13.16 11.84 17.76
C LEU B 31 12.30 11.95 16.51
N ILE B 32 11.31 11.06 16.41
CA ILE B 32 10.40 11.08 15.26
C ILE B 32 9.71 12.44 15.14
N ASP B 33 9.25 12.99 16.25
CA ASP B 33 8.59 14.30 16.22
C ASP B 33 9.57 15.39 15.78
N ASP B 34 10.81 15.32 16.25
CA ASP B 34 11.80 16.32 15.86
C ASP B 34 12.11 16.18 14.37
N MET B 35 12.17 14.95 13.89
CA MET B 35 12.44 14.70 12.48
C MET B 35 11.32 15.29 11.63
N PHE B 36 10.07 15.07 12.06
CA PHE B 36 8.92 15.61 11.33
C PHE B 36 8.98 17.14 11.31
N GLU B 37 9.27 17.74 12.45
CA GLU B 37 9.33 19.21 12.55
C GLU B 37 10.43 19.72 11.61
N THR B 38 11.57 19.05 11.62
CA THR B 38 12.70 19.42 10.76
C THR B 38 12.31 19.26 9.30
N MET B 39 11.69 18.15 8.96
CA MET B 39 11.26 17.86 7.59
C MET B 39 10.25 18.89 7.08
N TYR B 40 9.23 19.18 7.89
CA TYR B 40 8.20 20.13 7.48
C TYR B 40 8.75 21.56 7.29
N GLU B 41 9.75 21.92 8.09
CA GLU B 41 10.32 23.26 8.03
C GLU B 41 11.32 23.47 6.89
N ALA B 42 11.96 22.40 6.43
CA ALA B 42 12.96 22.50 5.37
C ALA B 42 12.53 23.28 4.12
N PRO B 43 11.49 22.82 3.40
CA PRO B 43 10.67 21.62 3.62
C PRO B 43 11.05 20.46 2.69
N GLY B 44 10.67 19.26 3.12
CA GLY B 44 10.93 18.06 2.35
C GLY B 44 9.75 17.12 2.55
N ILE B 45 9.65 16.06 1.77
CA ILE B 45 8.53 15.12 1.91
C ILE B 45 8.95 13.84 2.62
N GLY B 46 10.24 13.74 2.94
CA GLY B 46 10.75 12.58 3.64
C GLY B 46 12.04 12.93 4.36
N LEU B 47 12.43 12.13 5.35
CA LEU B 47 13.67 12.38 6.09
C LEU B 47 14.11 11.10 6.80
N ALA B 48 15.41 10.79 6.71
CA ALA B 48 15.95 9.61 7.37
C ALA B 48 16.77 10.08 8.57
N ALA B 49 16.77 9.30 9.64
CA ALA B 49 17.49 9.68 10.84
C ALA B 49 18.98 9.96 10.55
N THR B 50 19.52 9.23 9.60
CA THR B 50 20.92 9.40 9.21
C THR B 50 21.19 10.85 8.86
N GLN B 51 20.22 11.49 8.23
CA GLN B 51 20.37 12.88 7.81
C GLN B 51 20.50 13.89 8.94
N VAL B 52 20.02 13.55 10.14
CA VAL B 52 20.15 14.47 11.26
C VAL B 52 21.20 13.96 12.26
N ASN B 53 22.10 13.12 11.75
CA ASN B 53 23.20 12.56 12.54
C ASN B 53 22.79 11.57 13.63
N VAL B 54 21.65 10.91 13.47
CA VAL B 54 21.21 9.91 14.44
C VAL B 54 21.16 8.65 13.59
N HIS B 55 22.10 7.74 13.84
CA HIS B 55 22.21 6.55 13.03
C HIS B 55 21.39 5.34 13.47
N LYS B 56 20.08 5.50 13.33
CA LYS B 56 19.10 4.48 13.66
C LYS B 56 18.19 4.37 12.44
N ARG B 57 17.64 3.19 12.21
CA ARG B 57 16.78 2.98 11.05
C ARG B 57 15.35 3.49 11.27
N ILE B 58 15.21 4.79 11.10
CA ILE B 58 13.93 5.49 11.26
C ILE B 58 13.73 6.45 10.11
N VAL B 59 12.54 6.42 9.53
CA VAL B 59 12.19 7.30 8.41
C VAL B 59 10.83 7.92 8.64
N VAL B 60 10.69 9.21 8.31
CA VAL B 60 9.40 9.90 8.43
C VAL B 60 9.06 10.40 7.03
N MET B 61 7.78 10.65 6.78
CA MET B 61 7.36 11.05 5.46
C MET B 61 5.97 11.69 5.49
N ASP B 62 5.70 12.58 4.55
CA ASP B 62 4.38 13.17 4.39
C ASP B 62 4.32 13.65 2.95
N LEU B 63 3.59 12.92 2.13
CA LEU B 63 3.48 13.22 0.71
C LEU B 63 2.35 14.19 0.34
N SER B 64 1.63 14.67 1.34
CA SER B 64 0.51 15.60 1.10
C SER B 64 0.98 17.04 0.87
N GLU B 65 0.12 17.86 0.27
CA GLU B 65 0.45 19.24 -0.01
C GLU B 65 0.22 20.12 1.23
N ASP B 66 -0.78 19.76 2.01
CA ASP B 66 -1.11 20.51 3.21
C ASP B 66 -0.43 19.96 4.45
N LYS B 67 0.58 19.12 4.23
CA LYS B 67 1.34 18.52 5.33
C LYS B 67 0.41 17.96 6.39
N SER B 68 -0.52 17.09 5.96
CA SER B 68 -1.48 16.48 6.87
C SER B 68 -1.56 14.95 6.80
N GLU B 69 -0.54 14.30 6.25
CA GLU B 69 -0.52 12.85 6.15
C GLU B 69 0.83 12.25 6.58
N PRO B 70 1.18 12.40 7.87
CA PRO B 70 2.45 11.86 8.36
C PRO B 70 2.50 10.33 8.36
N ARG B 71 3.64 9.79 7.97
CA ARG B 71 3.86 8.36 7.92
C ARG B 71 5.19 8.06 8.60
N VAL B 72 5.22 6.97 9.36
CA VAL B 72 6.41 6.56 10.07
C VAL B 72 6.82 5.15 9.63
N PHE B 73 8.11 4.97 9.35
CA PHE B 73 8.64 3.66 8.96
C PHE B 73 9.89 3.37 9.80
N ILE B 74 9.80 2.39 10.69
CA ILE B 74 10.95 2.03 11.53
C ILE B 74 11.48 0.69 11.01
N ASN B 75 12.81 0.56 10.93
CA ASN B 75 13.46 -0.63 10.40
C ASN B 75 12.84 -1.01 9.04
N PRO B 76 12.73 -0.02 8.14
CA PRO B 76 12.15 -0.28 6.82
C PRO B 76 13.02 -1.09 5.88
N GLU B 77 12.36 -1.84 5.02
CA GLU B 77 13.03 -2.63 4.00
C GLU B 77 12.05 -2.69 2.84
N PHE B 78 12.55 -2.90 1.63
CA PHE B 78 11.67 -3.00 0.49
C PHE B 78 12.21 -4.04 -0.49
N GLU B 79 11.30 -4.58 -1.29
CA GLU B 79 11.67 -5.57 -2.28
C GLU B 79 10.90 -5.22 -3.56
N PRO B 80 11.60 -5.13 -4.70
CA PRO B 80 10.94 -4.79 -5.96
C PRO B 80 9.87 -5.83 -6.28
N LEU B 81 8.75 -5.38 -6.84
CA LEU B 81 7.66 -6.28 -7.20
C LEU B 81 7.55 -6.42 -8.71
N THR B 82 8.47 -5.77 -9.42
CA THR B 82 8.48 -5.80 -10.87
C THR B 82 9.90 -5.45 -11.32
N GLU B 83 10.23 -5.80 -12.56
CA GLU B 83 11.54 -5.48 -13.08
C GLU B 83 11.47 -4.15 -13.83
N ASP B 84 10.27 -3.62 -13.98
CA ASP B 84 10.11 -2.35 -14.67
C ASP B 84 10.70 -1.22 -13.83
N MET B 85 11.30 -0.24 -14.51
CA MET B 85 11.93 0.88 -13.85
C MET B 85 11.31 2.21 -14.28
N ASP B 86 11.19 3.15 -13.34
CA ASP B 86 10.66 4.47 -13.63
C ASP B 86 11.77 5.49 -13.40
N GLN B 87 11.67 6.61 -14.09
CA GLN B 87 12.65 7.68 -13.95
C GLN B 87 11.96 8.83 -13.24
N TYR B 88 12.63 9.40 -12.24
CA TYR B 88 12.08 10.52 -11.51
C TYR B 88 13.21 11.47 -11.19
N GLN B 89 12.95 12.77 -11.31
CA GLN B 89 13.99 13.75 -11.00
C GLN B 89 13.92 13.96 -9.50
N GLU B 90 14.93 13.45 -8.81
CA GLU B 90 15.00 13.53 -7.35
C GLU B 90 15.84 14.65 -6.79
N GLY B 91 15.43 15.12 -5.62
CA GLY B 91 16.15 16.15 -4.90
C GLY B 91 16.41 15.55 -3.52
N CYS B 92 17.28 16.16 -2.74
CA CYS B 92 17.61 15.67 -1.41
C CYS B 92 17.95 16.83 -0.48
N LEU B 93 17.47 16.80 0.75
CA LEU B 93 17.77 17.87 1.70
C LEU B 93 19.26 17.90 2.05
N SER B 94 19.94 16.76 1.85
CA SER B 94 21.37 16.67 2.13
C SER B 94 22.23 17.06 0.92
N VAL B 95 21.57 17.31 -0.21
CA VAL B 95 22.24 17.73 -1.44
C VAL B 95 21.36 18.87 -1.93
N PRO B 96 21.20 19.92 -1.12
CA PRO B 96 20.37 21.08 -1.43
C PRO B 96 20.63 21.81 -2.74
N GLY B 97 19.55 22.04 -3.48
CA GLY B 97 19.64 22.77 -4.74
C GLY B 97 19.86 21.95 -6.00
N PHE B 98 20.05 20.65 -5.86
CA PHE B 98 20.29 19.80 -7.02
C PHE B 98 19.19 18.79 -7.27
N TYR B 99 18.80 18.64 -8.53
CA TYR B 99 17.77 17.70 -8.92
C TYR B 99 18.24 16.97 -10.17
N GLU B 100 18.30 15.64 -10.08
CA GLU B 100 18.76 14.82 -11.18
C GLU B 100 17.91 13.56 -11.35
N ASN B 101 17.86 13.02 -12.56
CA ASN B 101 17.08 11.82 -12.82
C ASN B 101 17.72 10.57 -12.24
N VAL B 102 16.88 9.74 -11.62
CA VAL B 102 17.34 8.48 -11.04
C VAL B 102 16.34 7.42 -11.46
N ASP B 103 16.84 6.27 -11.91
CA ASP B 103 15.99 5.17 -12.30
C ASP B 103 15.87 4.20 -11.12
N ARG B 104 14.65 3.80 -10.79
CA ARG B 104 14.42 2.87 -9.69
C ARG B 104 13.23 1.99 -9.99
N PRO B 105 13.11 0.85 -9.27
CA PRO B 105 11.98 -0.07 -9.47
C PRO B 105 10.68 0.71 -9.35
N GLN B 106 9.77 0.46 -10.29
CA GLN B 106 8.47 1.12 -10.36
C GLN B 106 7.52 0.79 -9.22
N LYS B 107 7.59 -0.43 -8.72
CA LYS B 107 6.73 -0.85 -7.62
C LYS B 107 7.49 -1.73 -6.65
N VAL B 108 7.28 -1.49 -5.36
CA VAL B 108 7.97 -2.26 -4.33
C VAL B 108 7.04 -2.58 -3.17
N ARG B 109 7.43 -3.58 -2.39
CA ARG B 109 6.65 -3.93 -1.20
C ARG B 109 7.46 -3.47 -0.01
N ILE B 110 6.88 -2.57 0.78
CA ILE B 110 7.57 -2.06 1.95
C ILE B 110 7.21 -2.92 3.15
N LYS B 111 8.18 -3.16 4.01
CA LYS B 111 7.98 -3.90 5.25
C LYS B 111 8.67 -3.06 6.31
N ALA B 112 7.98 -2.83 7.43
CA ALA B 112 8.55 -2.05 8.51
C ALA B 112 7.69 -2.13 9.76
N LEU B 113 8.11 -1.41 10.79
CA LEU B 113 7.37 -1.33 12.04
C LEU B 113 6.73 0.06 12.03
N ASP B 114 5.51 0.18 12.55
CA ASP B 114 4.86 1.48 12.60
C ASP B 114 5.34 2.24 13.83
N ARG B 115 4.77 3.43 14.03
CA ARG B 115 5.16 4.29 15.15
C ARG B 115 4.93 3.65 16.53
N ASP B 116 4.22 2.53 16.56
CA ASP B 116 3.94 1.83 17.82
C ASP B 116 4.82 0.58 17.95
N GLY B 117 5.61 0.30 16.92
CA GLY B 117 6.47 -0.86 16.94
C GLY B 117 5.86 -2.11 16.34
N ASN B 118 4.67 -2.00 15.77
CA ASN B 118 3.98 -3.14 15.18
C ASN B 118 4.34 -3.30 13.69
N PRO B 119 4.64 -4.53 13.27
CA PRO B 119 4.99 -4.77 11.86
C PRO B 119 3.83 -4.68 10.87
N PHE B 120 4.14 -4.19 9.67
CA PHE B 120 3.15 -4.08 8.61
C PHE B 120 3.87 -4.10 7.27
N GLU B 121 3.12 -4.27 6.20
CA GLU B 121 3.71 -4.24 4.88
C GLU B 121 2.82 -3.34 4.05
N GLU B 122 3.36 -2.80 2.96
CA GLU B 122 2.59 -1.90 2.12
C GLU B 122 3.17 -1.85 0.72
N VAL B 123 2.30 -2.06 -0.26
CA VAL B 123 2.73 -2.01 -1.66
C VAL B 123 2.84 -0.53 -2.03
N ALA B 124 3.93 -0.17 -2.67
CA ALA B 124 4.15 1.22 -3.05
C ALA B 124 4.41 1.43 -4.53
N GLU B 125 3.77 2.48 -5.06
CA GLU B 125 3.94 2.87 -6.45
C GLU B 125 4.08 4.39 -6.44
N GLY B 126 4.44 4.95 -7.59
CA GLY B 126 4.58 6.39 -7.69
C GLY B 126 5.52 7.04 -6.69
N LEU B 127 5.13 8.22 -6.22
CA LEU B 127 5.97 8.97 -5.29
C LEU B 127 6.32 8.20 -4.02
N LEU B 128 5.39 7.43 -3.48
CA LEU B 128 5.66 6.66 -2.27
C LEU B 128 6.78 5.65 -2.51
N ALA B 129 6.77 5.01 -3.67
CA ALA B 129 7.80 4.03 -4.01
C ALA B 129 9.16 4.71 -4.17
N VAL B 130 9.17 5.87 -4.82
CA VAL B 130 10.43 6.59 -5.01
C VAL B 130 10.99 7.04 -3.67
N CYS B 131 10.15 7.63 -2.83
CA CYS B 131 10.59 8.12 -1.53
C CYS B 131 11.11 7.03 -0.60
N ILE B 132 10.39 5.92 -0.48
CA ILE B 132 10.84 4.86 0.41
C ILE B 132 12.21 4.30 0.01
N GLN B 133 12.46 4.20 -1.30
CA GLN B 133 13.75 3.69 -1.76
C GLN B 133 14.83 4.72 -1.47
N HIS B 134 14.51 5.99 -1.69
CA HIS B 134 15.43 7.10 -1.44
C HIS B 134 15.81 7.14 0.06
N GLU B 135 14.80 7.01 0.93
CA GLU B 135 15.04 7.05 2.38
C GLU B 135 15.81 5.82 2.89
N CYS B 136 15.44 4.64 2.40
CA CYS B 136 16.13 3.43 2.82
C CYS B 136 17.60 3.53 2.40
N ASP B 137 17.86 4.14 1.24
CA ASP B 137 19.23 4.29 0.77
C ASP B 137 20.05 5.07 1.80
N HIS B 138 19.47 6.14 2.33
CA HIS B 138 20.15 6.96 3.34
C HIS B 138 20.60 6.09 4.51
N LEU B 139 19.73 5.19 4.94
CA LEU B 139 20.03 4.32 6.07
C LEU B 139 21.19 3.37 5.76
N ASN B 140 21.48 3.19 4.47
CA ASN B 140 22.58 2.32 4.08
C ASN B 140 23.77 3.15 3.62
N GLY B 141 23.77 4.42 4.03
CA GLY B 141 24.84 5.34 3.69
C GLY B 141 24.93 5.67 2.22
N LYS B 142 23.80 5.59 1.51
CA LYS B 142 23.77 5.87 0.08
C LYS B 142 23.00 7.15 -0.25
N LEU B 143 23.48 7.89 -1.24
CA LEU B 143 22.87 9.14 -1.67
C LEU B 143 22.48 9.03 -3.14
N PHE B 144 21.48 9.80 -3.58
CA PHE B 144 21.05 9.71 -4.96
C PHE B 144 22.17 10.08 -5.95
N VAL B 145 23.11 10.92 -5.53
CA VAL B 145 24.21 11.29 -6.41
C VAL B 145 25.08 10.08 -6.74
N ASP B 146 24.95 9.01 -5.95
CA ASP B 146 25.73 7.80 -6.18
C ASP B 146 25.29 7.09 -7.45
N TYR B 147 24.08 7.38 -7.90
CA TYR B 147 23.56 6.75 -9.12
C TYR B 147 23.93 7.53 -10.37
N LEU B 148 24.51 8.71 -10.18
CA LEU B 148 24.89 9.58 -11.30
C LEU B 148 26.29 9.32 -11.81
N SER B 149 26.60 9.88 -12.98
CA SER B 149 27.93 9.71 -13.57
C SER B 149 28.93 10.36 -12.61
N THR B 150 30.15 9.82 -12.56
CA THR B 150 31.16 10.36 -11.67
C THR B 150 31.41 11.85 -11.92
N LEU B 151 31.37 12.27 -13.19
CA LEU B 151 31.60 13.68 -13.51
C LEU B 151 30.49 14.60 -12.97
N LYS B 152 29.25 14.12 -13.04
CA LYS B 152 28.13 14.92 -12.55
C LYS B 152 28.19 14.98 -11.02
N ARG B 153 28.47 13.85 -10.38
CA ARG B 153 28.56 13.83 -8.93
C ARG B 153 29.69 14.75 -8.47
N ASP B 154 30.82 14.72 -9.19
CA ASP B 154 31.97 15.56 -8.84
C ASP B 154 31.61 17.04 -8.95
N ARG B 155 30.90 17.41 -10.01
CA ARG B 155 30.50 18.81 -10.18
C ARG B 155 29.63 19.25 -9.00
N ILE B 156 28.70 18.40 -8.61
CA ILE B 156 27.82 18.71 -7.49
C ILE B 156 28.60 18.83 -6.21
N ARG B 157 29.50 17.87 -5.97
CA ARG B 157 30.32 17.90 -4.77
C ARG B 157 31.11 19.20 -4.67
N LYS B 158 31.78 19.58 -5.76
CA LYS B 158 32.57 20.80 -5.78
C LYS B 158 31.74 22.07 -5.57
N LYS B 159 30.53 22.08 -6.12
CA LYS B 159 29.66 23.24 -5.95
C LYS B 159 29.26 23.37 -4.48
N LEU B 160 28.91 22.24 -3.87
CA LEU B 160 28.50 22.23 -2.46
C LEU B 160 29.66 22.54 -1.53
N GLU B 161 30.85 22.02 -1.82
CA GLU B 161 32.00 22.29 -0.98
C GLU B 161 32.30 23.79 -1.01
N LYS B 162 32.10 24.40 -2.18
CA LYS B 162 32.34 25.84 -2.33
C LYS B 162 31.33 26.61 -1.49
N GLN B 163 30.06 26.20 -1.57
CA GLN B 163 29.01 26.86 -0.81
C GLN B 163 29.30 26.77 0.68
N HIS B 164 29.71 25.59 1.13
CA HIS B 164 30.02 25.39 2.54
C HIS B 164 31.12 26.31 3.05
N ARG B 165 32.14 26.53 2.23
CA ARG B 165 33.22 27.42 2.63
C ARG B 165 32.73 28.86 2.74
N GLN B 166 31.88 29.26 1.80
CA GLN B 166 31.33 30.61 1.80
C GLN B 166 30.39 30.80 2.99
N GLN B 167 29.61 29.77 3.30
CA GLN B 167 28.67 29.82 4.42
C GLN B 167 29.45 29.88 5.74
N ALA B 168 30.68 29.35 5.72
CA ALA B 168 31.52 29.35 6.90
C ALA B 168 32.10 30.75 7.10
N HIS B 169 32.10 31.55 6.04
CA HIS B 169 32.63 32.90 6.10
C HIS B 169 31.54 33.90 6.46
N HIS B 170 30.44 33.39 7.00
CA HIS B 170 29.32 34.24 7.41
C HIS B 170 29.21 34.31 8.93
#